data_7N7G
#
_entry.id   7N7G
#
_cell.length_a   79.874
_cell.length_b   79.874
_cell.length_c   95.639
_cell.angle_alpha   90.000
_cell.angle_beta   90.000
_cell.angle_gamma   90.000
#
_symmetry.space_group_name_H-M   'P 41 21 2'
#
loop_
_entity.id
_entity.type
_entity.pdbx_description
1 polymer 'Metallothiol transferase FosB'
2 non-polymer 'MANGANESE (II) ION'
3 non-polymer 1,2-ETHANEDIOL
4 non-polymer FOSFOMYCIN
5 water water
#
_entity_poly.entity_id   1
_entity_poly.type   'polypeptide(L)'
_entity_poly.pdbx_seq_one_letter_code
;MIKGINHITYSVSNIAKSIEFYRDILGADILVESETLAYFNLGGIWLALNEEKNIPRSEIKYSYTHIAFTISDNDFEDWY
NWLKENEVNILEGRDRDIRDKKSIYFTDLDGHKLELHTGSLEDRLSYYKEAKPHMNFYI
;
_entity_poly.pdbx_strand_id   A,B
#
# COMPACT_ATOMS: atom_id res chain seq x y z
N MET A 1 15.33 11.86 4.30
CA MET A 1 13.94 12.01 4.79
C MET A 1 12.95 11.42 3.76
N ILE A 2 11.99 10.63 4.22
CA ILE A 2 10.85 10.15 3.37
C ILE A 2 9.92 11.35 3.16
N LYS A 3 9.76 11.74 1.90
CA LYS A 3 8.98 12.94 1.51
C LYS A 3 7.50 12.64 1.28
N GLY A 4 7.16 11.39 0.97
CA GLY A 4 5.76 10.95 0.78
C GLY A 4 5.64 9.71 -0.09
N ILE A 5 4.43 9.35 -0.51
CA ILE A 5 4.22 8.08 -1.28
C ILE A 5 4.70 8.26 -2.72
N ASN A 6 5.48 7.34 -3.28
CA ASN A 6 5.93 7.49 -4.68
C ASN A 6 4.98 6.67 -5.57
N HIS A 7 4.85 5.37 -5.32
CA HIS A 7 3.94 4.50 -6.10
C HIS A 7 3.57 3.27 -5.28
N ILE A 8 2.51 2.60 -5.71
CA ILE A 8 2.09 1.25 -5.23
C ILE A 8 2.14 0.31 -6.42
N THR A 9 2.81 -0.82 -6.28
CA THR A 9 2.99 -1.86 -7.32
C THR A 9 2.41 -3.18 -6.80
N TYR A 10 1.54 -3.75 -7.58
CA TYR A 10 0.96 -5.09 -7.37
C TYR A 10 1.51 -6.04 -8.43
N SER A 11 1.96 -7.19 -7.96
CA SER A 11 2.18 -8.38 -8.79
C SER A 11 0.82 -9.02 -9.08
N VAL A 12 0.51 -9.23 -10.37
CA VAL A 12 -0.77 -9.80 -10.85
C VAL A 12 -0.46 -10.98 -11.78
N SER A 13 -1.36 -11.97 -11.81
CA SER A 13 -1.15 -13.24 -12.56
C SER A 13 -1.69 -13.10 -13.98
N ASN A 14 -2.71 -12.26 -14.18
CA ASN A 14 -3.37 -11.97 -15.47
C ASN A 14 -3.52 -10.46 -15.61
N ILE A 15 -2.58 -9.79 -16.28
CA ILE A 15 -2.56 -8.30 -16.26
C ILE A 15 -3.79 -7.80 -17.00
N ALA A 16 -4.16 -8.46 -18.11
CA ALA A 16 -5.33 -8.08 -18.92
C ALA A 16 -6.56 -7.92 -18.00
N LYS A 17 -6.91 -8.94 -17.21
CA LYS A 17 -8.13 -8.87 -16.36
C LYS A 17 -7.88 -7.98 -15.11
N SER A 18 -6.65 -7.88 -14.61
CA SER A 18 -6.35 -6.91 -13.50
C SER A 18 -6.55 -5.49 -14.04
N ILE A 19 -6.14 -5.20 -15.27
CA ILE A 19 -6.40 -3.85 -15.87
C ILE A 19 -7.91 -3.55 -15.86
N GLU A 20 -8.75 -4.46 -16.37
CA GLU A 20 -10.23 -4.31 -16.36
C GLU A 20 -10.74 -4.05 -14.93
N PHE A 21 -10.23 -4.78 -13.93
CA PHE A 21 -10.64 -4.57 -12.51
C PHE A 21 -10.39 -3.10 -12.09
N TYR A 22 -9.13 -2.65 -12.16
CA TYR A 22 -8.67 -1.34 -11.63
C TYR A 22 -9.28 -0.22 -12.47
N ARG A 23 -9.26 -0.36 -13.80
CA ARG A 23 -9.86 0.64 -14.72
C ARG A 23 -11.39 0.64 -14.60
N ASP A 24 -12.06 -0.48 -14.88
CA ASP A 24 -13.53 -0.51 -15.17
C ASP A 24 -14.33 -0.61 -13.85
N ILE A 25 -13.77 -1.17 -12.78
CA ILE A 25 -14.51 -1.26 -11.48
C ILE A 25 -14.08 -0.14 -10.52
N LEU A 26 -12.78 0.09 -10.30
CA LEU A 26 -12.31 1.11 -9.32
C LEU A 26 -12.17 2.49 -9.97
N GLY A 27 -12.27 2.59 -11.29
CA GLY A 27 -12.20 3.88 -12.03
C GLY A 27 -10.80 4.48 -12.08
N ALA A 28 -9.76 3.68 -11.89
CA ALA A 28 -8.37 4.15 -12.09
C ALA A 28 -8.21 4.66 -13.52
N ASP A 29 -7.47 5.75 -13.70
CA ASP A 29 -7.20 6.37 -15.02
C ASP A 29 -5.95 5.71 -15.63
N ILE A 30 -6.10 4.89 -16.67
CA ILE A 30 -4.94 4.16 -17.25
C ILE A 30 -4.11 5.16 -18.06
N LEU A 31 -2.79 5.07 -17.89
CA LEU A 31 -1.75 5.99 -18.43
C LEU A 31 -0.91 5.20 -19.44
N VAL A 32 -0.52 3.98 -19.11
CA VAL A 32 0.42 3.14 -19.94
C VAL A 32 -0.02 1.69 -19.84
N GLU A 33 0.20 0.94 -20.92
CA GLU A 33 -0.04 -0.53 -20.93
C GLU A 33 0.99 -1.23 -21.83
N SER A 34 1.54 -2.35 -21.36
CA SER A 34 2.27 -3.36 -22.17
C SER A 34 1.77 -4.78 -21.88
N GLU A 35 2.44 -5.78 -22.42
CA GLU A 35 2.04 -7.17 -22.11
C GLU A 35 2.39 -7.47 -20.65
N THR A 36 3.31 -6.75 -20.05
CA THR A 36 3.92 -7.07 -18.73
C THR A 36 3.58 -6.04 -17.62
N LEU A 37 3.16 -4.81 -17.95
CA LEU A 37 2.86 -3.75 -16.92
C LEU A 37 1.81 -2.74 -17.38
N ALA A 38 1.26 -2.03 -16.40
CA ALA A 38 0.23 -0.99 -16.56
C ALA A 38 0.40 0.02 -15.44
N TYR A 39 0.29 1.31 -15.80
CA TYR A 39 0.34 2.44 -14.84
C TYR A 39 -1.01 3.14 -14.90
N PHE A 40 -1.46 3.52 -13.73
CA PHE A 40 -2.72 4.26 -13.49
C PHE A 40 -2.44 5.45 -12.57
N ASN A 41 -3.29 6.46 -12.71
CA ASN A 41 -3.64 7.40 -11.62
C ASN A 41 -4.91 6.89 -10.91
N LEU A 42 -4.78 6.46 -9.67
CA LEU A 42 -5.94 6.16 -8.79
C LEU A 42 -5.90 7.13 -7.60
N GLY A 43 -6.85 8.07 -7.54
CA GLY A 43 -6.98 9.07 -6.46
C GLY A 43 -5.71 9.92 -6.32
N GLY A 44 -5.00 10.20 -7.43
CA GLY A 44 -3.74 10.95 -7.47
C GLY A 44 -2.51 10.13 -7.12
N ILE A 45 -2.67 8.83 -6.90
CA ILE A 45 -1.55 7.90 -6.64
C ILE A 45 -1.16 7.25 -7.96
N TRP A 46 0.15 7.16 -8.20
CA TRP A 46 0.79 6.25 -9.18
C TRP A 46 0.64 4.78 -8.74
N LEU A 47 -0.23 4.05 -9.44
CA LEU A 47 -0.53 2.62 -9.27
C LEU A 47 0.09 1.86 -10.45
N ALA A 48 0.89 0.84 -10.16
CA ALA A 48 1.53 -0.04 -11.16
C ALA A 48 1.09 -1.49 -10.94
N LEU A 49 0.79 -2.17 -12.04
CA LEU A 49 0.61 -3.63 -12.07
C LEU A 49 1.78 -4.21 -12.87
N ASN A 50 2.40 -5.26 -12.32
CA ASN A 50 3.52 -6.04 -12.89
C ASN A 50 3.06 -7.50 -12.99
N GLU A 51 2.87 -8.01 -14.20
CA GLU A 51 2.51 -9.43 -14.42
C GLU A 51 3.68 -10.31 -14.01
N GLU A 52 3.41 -11.26 -13.14
CA GLU A 52 4.36 -12.28 -12.66
C GLU A 52 3.65 -13.61 -12.72
N LYS A 53 4.19 -14.58 -13.47
CA LYS A 53 3.64 -15.96 -13.63
C LYS A 53 4.18 -16.88 -12.55
N ASN A 54 3.36 -17.83 -12.09
CA ASN A 54 3.75 -18.92 -11.15
C ASN A 54 4.25 -18.40 -9.80
N ILE A 55 3.72 -17.32 -9.26
CA ILE A 55 4.06 -17.04 -7.84
C ILE A 55 2.94 -17.63 -6.99
N PRO A 56 3.27 -18.28 -5.85
CA PRO A 56 2.26 -18.73 -4.92
C PRO A 56 1.52 -17.54 -4.26
N ARG A 57 0.20 -17.54 -4.34
CA ARG A 57 -0.68 -16.48 -3.81
C ARG A 57 -1.79 -17.08 -2.92
N SER A 58 -1.53 -18.14 -2.14
CA SER A 58 -2.58 -18.77 -1.29
C SER A 58 -2.52 -18.17 0.10
N GLU A 59 -1.33 -17.81 0.60
CA GLU A 59 -1.14 -17.29 1.98
C GLU A 59 -1.81 -15.92 2.16
N ILE A 60 -1.87 -15.09 1.13
CA ILE A 60 -2.31 -13.66 1.25
C ILE A 60 -3.72 -13.55 1.87
N LYS A 61 -4.63 -14.49 1.62
CA LYS A 61 -5.97 -14.32 2.22
C LYS A 61 -5.96 -14.43 3.76
N TYR A 62 -4.86 -14.86 4.37
CA TYR A 62 -4.72 -15.05 5.84
C TYR A 62 -4.17 -13.80 6.54
N SER A 63 -3.63 -12.83 5.79
CA SER A 63 -2.97 -11.63 6.36
C SER A 63 -3.95 -10.45 6.37
N TYR A 64 -3.90 -9.59 7.38
CA TYR A 64 -4.75 -8.36 7.46
C TYR A 64 -4.09 -7.22 6.66
N THR A 65 -2.91 -7.45 6.08
CA THR A 65 -2.20 -6.41 5.28
C THR A 65 -3.20 -5.90 4.23
N HIS A 66 -3.32 -4.58 4.09
CA HIS A 66 -4.17 -3.97 3.05
C HIS A 66 -3.84 -2.48 2.87
N ILE A 67 -4.35 -1.91 1.79
CA ILE A 67 -4.27 -0.46 1.47
C ILE A 67 -5.70 0.09 1.41
N ALA A 68 -5.95 1.23 2.05
CA ALA A 68 -7.26 1.88 2.08
C ALA A 68 -7.21 3.17 1.24
N PHE A 69 -8.26 3.40 0.47
CA PHE A 69 -8.50 4.60 -0.36
C PHE A 69 -9.71 5.34 0.22
N THR A 70 -9.72 6.66 0.02
CA THR A 70 -10.78 7.55 0.55
C THR A 70 -11.95 7.62 -0.44
N ILE A 71 -13.17 7.41 0.08
CA ILE A 71 -14.44 7.81 -0.57
C ILE A 71 -15.24 8.69 0.41
N SER A 72 -16.16 9.50 -0.14
CA SER A 72 -17.12 10.33 0.62
C SER A 72 -18.19 9.47 1.28
N ASP A 73 -18.59 9.85 2.48
CA ASP A 73 -19.84 9.38 3.10
C ASP A 73 -20.99 9.37 2.07
N ASN A 74 -21.12 10.42 1.24
CA ASN A 74 -22.16 10.60 0.20
C ASN A 74 -22.15 9.45 -0.83
N ASP A 75 -20.98 8.89 -1.11
CA ASP A 75 -20.79 7.88 -2.18
C ASP A 75 -20.82 6.45 -1.64
N PHE A 76 -20.96 6.24 -0.32
CA PHE A 76 -20.70 4.93 0.35
C PHE A 76 -21.65 3.83 -0.15
N GLU A 77 -22.95 4.08 -0.12
CA GLU A 77 -23.94 3.08 -0.59
C GLU A 77 -23.73 2.83 -2.09
N ASP A 78 -23.53 3.87 -2.89
CA ASP A 78 -23.27 3.74 -4.35
C ASP A 78 -22.02 2.88 -4.62
N TRP A 79 -20.91 3.11 -3.89
CA TRP A 79 -19.71 2.25 -3.99
C TRP A 79 -20.09 0.81 -3.67
N TYR A 80 -20.73 0.56 -2.53
CA TYR A 80 -21.10 -0.80 -2.08
C TYR A 80 -21.92 -1.48 -3.19
N ASN A 81 -23.01 -0.81 -3.60
CA ASN A 81 -23.93 -1.32 -4.65
C ASN A 81 -23.12 -1.61 -5.93
N TRP A 82 -22.20 -0.72 -6.30
CA TRP A 82 -21.39 -0.84 -7.54
C TRP A 82 -20.52 -2.10 -7.47
N LEU A 83 -19.78 -2.31 -6.38
CA LEU A 83 -18.94 -3.52 -6.18
C LEU A 83 -19.82 -4.76 -6.16
N LYS A 84 -20.99 -4.71 -5.53
CA LYS A 84 -22.00 -5.82 -5.58
C LYS A 84 -22.37 -6.13 -7.05
N GLU A 85 -22.88 -5.12 -7.76
CA GLU A 85 -23.29 -5.20 -9.19
C GLU A 85 -22.23 -5.94 -10.01
N ASN A 86 -20.93 -5.64 -9.79
CA ASN A 86 -19.77 -6.19 -10.54
C ASN A 86 -19.25 -7.48 -9.89
N GLU A 87 -19.96 -8.07 -8.93
CA GLU A 87 -19.60 -9.38 -8.30
C GLU A 87 -18.17 -9.30 -7.76
N VAL A 88 -17.76 -8.15 -7.21
CA VAL A 88 -16.43 -8.02 -6.54
C VAL A 88 -16.43 -8.93 -5.31
N ASN A 89 -15.28 -9.49 -4.95
CA ASN A 89 -15.10 -10.32 -3.75
C ASN A 89 -15.05 -9.39 -2.53
N ILE A 90 -16.23 -8.98 -2.04
CA ILE A 90 -16.39 -8.14 -0.81
C ILE A 90 -16.12 -9.04 0.40
N LEU A 91 -15.30 -8.59 1.33
CA LEU A 91 -14.96 -9.34 2.57
C LEU A 91 -15.89 -8.87 3.69
N GLU A 92 -16.13 -9.76 4.64
CA GLU A 92 -16.82 -9.52 5.92
C GLU A 92 -15.95 -8.61 6.77
N GLY A 93 -16.38 -7.37 6.99
CA GLY A 93 -15.64 -6.39 7.81
C GLY A 93 -15.45 -6.88 9.22
N ARG A 94 -14.54 -6.25 9.99
CA ARG A 94 -14.53 -6.37 11.47
C ARG A 94 -15.81 -5.68 11.99
N ASP A 95 -16.08 -5.83 13.28
CA ASP A 95 -17.18 -5.14 13.99
C ASP A 95 -16.81 -3.64 14.00
N ARG A 96 -17.81 -2.74 13.90
CA ARG A 96 -17.59 -1.29 13.71
C ARG A 96 -18.52 -0.43 14.59
N ASP A 97 -17.94 0.23 15.60
CA ASP A 97 -18.51 1.39 16.36
C ASP A 97 -18.80 2.49 15.36
N ILE A 98 -19.79 3.32 15.64
CA ILE A 98 -20.18 4.45 14.76
C ILE A 98 -18.94 5.32 14.52
N ARG A 99 -18.14 5.55 15.56
CA ARG A 99 -16.97 6.47 15.55
C ARG A 99 -15.87 5.87 14.62
N ASP A 100 -15.87 4.57 14.35
CA ASP A 100 -14.80 4.03 13.46
C ASP A 100 -14.97 4.57 12.05
N LYS A 101 -16.05 5.30 11.74
CA LYS A 101 -16.41 5.70 10.36
C LYS A 101 -16.80 4.48 9.49
N LYS A 102 -16.93 4.64 8.19
CA LYS A 102 -17.42 3.47 7.41
C LYS A 102 -16.34 2.93 6.47
N SER A 103 -16.42 1.63 6.19
CA SER A 103 -15.45 0.91 5.34
C SER A 103 -16.11 -0.22 4.56
N ILE A 104 -15.65 -0.40 3.33
CA ILE A 104 -15.91 -1.58 2.47
C ILE A 104 -14.54 -2.25 2.24
N TYR A 105 -14.41 -3.53 2.61
CA TYR A 105 -13.19 -4.35 2.37
C TYR A 105 -13.45 -5.30 1.20
N PHE A 106 -12.47 -5.46 0.33
CA PHE A 106 -12.58 -6.37 -0.83
C PHE A 106 -11.17 -6.78 -1.27
N THR A 107 -11.09 -7.66 -2.27
CA THR A 107 -9.80 -8.05 -2.88
C THR A 107 -9.86 -7.78 -4.36
N ASP A 108 -8.68 -7.69 -5.01
CA ASP A 108 -8.57 -7.70 -6.48
C ASP A 108 -8.57 -9.18 -6.89
N LEU A 109 -8.17 -9.44 -8.13
CA LEU A 109 -8.26 -10.79 -8.75
C LEU A 109 -7.14 -11.68 -8.18
N ASP A 110 -6.19 -11.11 -7.46
CA ASP A 110 -5.03 -11.89 -6.93
C ASP A 110 -5.14 -11.98 -5.42
N GLY A 111 -6.27 -11.59 -4.82
CA GLY A 111 -6.44 -11.60 -3.35
C GLY A 111 -5.73 -10.46 -2.62
N HIS A 112 -5.19 -9.44 -3.29
CA HIS A 112 -4.73 -8.23 -2.55
C HIS A 112 -5.93 -7.56 -1.86
N LYS A 113 -5.82 -7.28 -0.58
CA LYS A 113 -6.88 -6.64 0.24
C LYS A 113 -6.86 -5.12 0.04
N LEU A 114 -8.04 -4.60 -0.25
CA LEU A 114 -8.34 -3.19 -0.48
C LEU A 114 -9.49 -2.76 0.45
N GLU A 115 -9.48 -1.48 0.76
CA GLU A 115 -10.46 -0.81 1.63
C GLU A 115 -10.89 0.51 1.01
N LEU A 116 -12.20 0.75 0.98
CA LEU A 116 -12.80 2.07 0.81
C LEU A 116 -13.28 2.56 2.17
N HIS A 117 -12.68 3.65 2.64
CA HIS A 117 -12.87 4.21 3.99
C HIS A 117 -13.30 5.68 3.92
N THR A 118 -14.26 6.08 4.75
CA THR A 118 -14.86 7.45 4.76
C THR A 118 -14.25 8.34 5.87
N GLY A 119 -13.40 7.82 6.76
CA GLY A 119 -12.78 8.57 7.86
C GLY A 119 -11.36 9.05 7.59
N SER A 120 -10.83 9.91 8.48
CA SER A 120 -9.45 10.42 8.49
C SER A 120 -8.68 9.79 9.63
N LEU A 121 -7.36 9.93 9.62
CA LEU A 121 -6.50 9.56 10.78
C LEU A 121 -6.98 10.34 12.00
N GLU A 122 -7.33 11.61 11.81
CA GLU A 122 -7.79 12.52 12.91
C GLU A 122 -9.05 11.92 13.53
N ASP A 123 -9.98 11.42 12.71
CA ASP A 123 -11.24 10.84 13.24
C ASP A 123 -10.87 9.64 14.12
N ARG A 124 -9.99 8.77 13.63
CA ARG A 124 -9.63 7.54 14.38
C ARG A 124 -8.97 7.91 15.70
N LEU A 125 -8.03 8.85 15.69
CA LEU A 125 -7.29 9.28 16.92
C LEU A 125 -8.31 9.84 17.91
N SER A 126 -9.22 10.67 17.42
CA SER A 126 -10.35 11.24 18.21
C SER A 126 -11.24 10.13 18.78
N TYR A 127 -11.63 9.14 17.98
CA TYR A 127 -12.42 7.99 18.48
C TYR A 127 -11.63 7.27 19.58
N TYR A 128 -10.37 6.93 19.29
CA TYR A 128 -9.58 6.06 20.19
C TYR A 128 -9.29 6.78 21.51
N LYS A 129 -9.05 8.08 21.49
CA LYS A 129 -8.71 8.87 22.70
C LYS A 129 -9.92 8.80 23.66
N GLU A 130 -11.14 8.77 23.12
CA GLU A 130 -12.37 8.82 23.97
C GLU A 130 -12.78 7.40 24.41
N ALA A 131 -12.54 6.36 23.60
CA ALA A 131 -13.10 5.00 23.81
C ALA A 131 -12.03 3.95 24.18
N LYS A 132 -10.72 4.19 24.07
CA LYS A 132 -9.70 3.12 24.16
C LYS A 132 -8.66 3.43 25.23
N PRO A 133 -8.94 3.06 26.51
CA PRO A 133 -8.03 3.35 27.62
C PRO A 133 -6.81 2.42 27.74
N HIS A 134 -6.75 1.36 26.96
CA HIS A 134 -5.57 0.46 26.94
C HIS A 134 -4.57 0.97 25.88
N MET A 135 -4.75 2.20 25.40
CA MET A 135 -3.91 2.76 24.29
C MET A 135 -3.03 3.90 24.78
N ASN A 136 -1.85 4.03 24.17
CA ASN A 136 -0.88 5.10 24.49
C ASN A 136 -0.86 6.11 23.36
N PHE A 137 -1.02 7.39 23.68
CA PHE A 137 -1.04 8.47 22.67
C PHE A 137 0.21 9.34 22.75
N TYR A 138 0.62 9.88 21.60
CA TYR A 138 1.83 10.73 21.46
C TYR A 138 1.56 11.97 20.60
N MET B 1 -16.55 8.28 -6.06
CA MET B 1 -15.22 8.42 -6.67
C MET B 1 -14.13 8.29 -5.59
N ILE B 2 -13.06 7.55 -5.89
CA ILE B 2 -11.87 7.42 -4.99
C ILE B 2 -11.08 8.73 -5.04
N LYS B 3 -10.89 9.34 -3.87
CA LYS B 3 -10.44 10.74 -3.69
C LYS B 3 -8.96 10.79 -3.34
N GLY B 4 -8.38 9.70 -2.86
CA GLY B 4 -6.98 9.67 -2.42
C GLY B 4 -6.63 8.42 -1.64
N ILE B 5 -5.35 8.24 -1.33
CA ILE B 5 -4.92 7.14 -0.43
C ILE B 5 -5.35 7.55 0.99
N ASN B 6 -5.85 6.59 1.77
CA ASN B 6 -6.34 6.85 3.15
C ASN B 6 -5.30 6.33 4.14
N HIS B 7 -4.90 5.06 4.02
CA HIS B 7 -3.93 4.47 4.98
C HIS B 7 -3.34 3.19 4.40
N ILE B 8 -2.20 2.80 4.97
CA ILE B 8 -1.48 1.56 4.63
C ILE B 8 -1.41 0.75 5.91
N THR B 9 -1.90 -0.50 5.87
CA THR B 9 -1.88 -1.39 7.03
C THR B 9 -0.98 -2.60 6.73
N TYR B 10 -0.04 -2.86 7.61
CA TYR B 10 0.81 -4.09 7.58
C TYR B 10 0.50 -5.00 8.77
N SER B 11 0.20 -6.26 8.50
CA SER B 11 0.25 -7.38 9.46
C SER B 11 1.70 -7.72 9.82
N VAL B 12 2.04 -7.69 11.11
CA VAL B 12 3.41 -7.96 11.62
C VAL B 12 3.36 -9.05 12.72
N SER B 13 4.43 -9.82 12.91
CA SER B 13 4.50 -10.97 13.87
C SER B 13 4.92 -10.47 15.26
N ASN B 14 5.59 -9.32 15.35
CA ASN B 14 6.01 -8.75 16.65
C ASN B 14 5.88 -7.24 16.56
N ILE B 15 4.84 -6.71 17.21
CA ILE B 15 4.49 -5.26 17.19
C ILE B 15 5.68 -4.49 17.75
N ALA B 16 6.31 -4.99 18.83
CA ALA B 16 7.37 -4.25 19.54
C ALA B 16 8.55 -4.00 18.59
N LYS B 17 9.01 -5.05 17.92
CA LYS B 17 10.19 -5.04 17.00
C LYS B 17 9.82 -4.22 15.74
N SER B 18 8.64 -4.47 15.16
CA SER B 18 8.14 -3.74 13.97
C SER B 18 8.01 -2.26 14.28
N ILE B 19 7.50 -1.86 15.45
CA ILE B 19 7.47 -0.43 15.87
C ILE B 19 8.91 0.15 15.79
N GLU B 20 9.89 -0.59 16.34
CA GLU B 20 11.31 -0.14 16.38
C GLU B 20 11.80 0.09 14.95
N PHE B 21 11.53 -0.85 14.06
CA PHE B 21 11.86 -0.75 12.61
C PHE B 21 11.29 0.54 12.01
N TYR B 22 9.98 0.75 12.11
CA TYR B 22 9.32 1.87 11.37
C TYR B 22 9.73 3.19 12.02
N ARG B 23 9.80 3.26 13.35
CA ARG B 23 10.12 4.52 14.09
C ARG B 23 11.60 4.89 13.95
N ASP B 24 12.50 3.98 14.33
CA ASP B 24 13.94 4.28 14.54
C ASP B 24 14.71 4.20 13.23
N ILE B 25 14.31 3.33 12.29
CA ILE B 25 15.03 3.16 10.98
C ILE B 25 14.39 4.03 9.89
N LEU B 26 13.06 4.11 9.75
CA LEU B 26 12.48 4.86 8.59
C LEU B 26 12.02 6.24 9.07
N GLY B 27 12.09 6.52 10.38
CA GLY B 27 11.74 7.86 10.91
C GLY B 27 10.23 8.09 10.93
N ALA B 28 9.43 7.01 10.93
CA ALA B 28 7.96 7.13 11.07
C ALA B 28 7.66 7.74 12.44
N ASP B 29 6.73 8.69 12.52
CA ASP B 29 6.35 9.39 13.77
C ASP B 29 5.23 8.61 14.46
N ILE B 30 5.50 7.98 15.60
CA ILE B 30 4.47 7.13 16.27
C ILE B 30 3.39 8.06 16.85
N LEU B 31 2.12 7.68 16.69
CA LEU B 31 0.94 8.47 17.16
C LEU B 31 0.23 7.72 18.28
N VAL B 32 0.06 6.40 18.17
CA VAL B 32 -0.61 5.59 19.26
C VAL B 32 -0.07 4.17 19.22
N GLU B 33 -0.13 3.48 20.35
CA GLU B 33 0.16 2.03 20.38
C GLU B 33 -0.64 1.33 21.49
N SER B 34 -0.91 0.05 21.25
CA SER B 34 -1.50 -0.93 22.19
C SER B 34 -0.68 -2.21 22.04
N GLU B 35 -1.16 -3.29 22.61
CA GLU B 35 -0.43 -4.56 22.50
C GLU B 35 -0.52 -5.11 21.08
N THR B 36 -1.50 -4.70 20.28
CA THR B 36 -1.72 -5.34 18.98
C THR B 36 -1.75 -4.32 17.82
N LEU B 37 -1.68 -3.01 18.07
CA LEU B 37 -1.68 -2.07 16.93
C LEU B 37 -0.87 -0.82 17.23
N ALA B 38 -0.35 -0.21 16.18
CA ALA B 38 0.37 1.06 16.25
C ALA B 38 0.00 1.87 15.01
N TYR B 39 -0.19 3.18 15.17
CA TYR B 39 -0.34 4.12 14.04
C TYR B 39 0.84 5.10 14.01
N PHE B 40 1.27 5.46 12.78
CA PHE B 40 2.39 6.37 12.49
C PHE B 40 1.97 7.35 11.39
N ASN B 41 2.61 8.52 11.37
CA ASN B 41 2.78 9.38 10.17
C ASN B 41 4.13 9.05 9.53
N LEU B 42 4.14 8.49 8.33
CA LEU B 42 5.35 8.19 7.54
C LEU B 42 5.22 8.94 6.22
N GLY B 43 5.92 10.06 6.10
CA GLY B 43 5.93 10.90 4.89
C GLY B 43 4.58 11.46 4.57
N GLY B 44 3.81 11.81 5.60
CA GLY B 44 2.42 12.30 5.47
C GLY B 44 1.40 11.18 5.20
N ILE B 45 1.79 9.90 5.30
CA ILE B 45 0.86 8.75 5.08
C ILE B 45 0.52 8.13 6.44
N TRP B 46 -0.77 7.91 6.71
CA TRP B 46 -1.25 7.12 7.86
C TRP B 46 -0.78 5.67 7.68
N LEU B 47 0.23 5.28 8.44
CA LEU B 47 0.76 3.88 8.49
C LEU B 47 0.18 3.20 9.73
N ALA B 48 -0.30 1.98 9.56
CA ALA B 48 -0.81 1.15 10.66
C ALA B 48 -0.13 -0.20 10.63
N LEU B 49 0.20 -0.71 11.82
CA LEU B 49 0.67 -2.07 12.06
C LEU B 49 -0.39 -2.75 12.92
N ASN B 50 -0.75 -3.99 12.57
CA ASN B 50 -1.62 -4.91 13.33
C ASN B 50 -0.86 -6.22 13.56
N GLU B 51 -0.63 -6.60 14.81
CA GLU B 51 0.12 -7.83 15.13
C GLU B 51 -0.77 -9.03 14.81
N GLU B 52 -0.28 -9.94 13.97
CA GLU B 52 -0.81 -11.31 13.76
C GLU B 52 0.32 -12.34 13.94
N LYS B 53 0.30 -13.06 15.07
CA LYS B 53 1.44 -13.88 15.57
C LYS B 53 1.63 -15.18 14.76
N ASN B 54 0.53 -15.81 14.34
CA ASN B 54 0.52 -17.20 13.78
C ASN B 54 -0.15 -17.19 12.41
N ILE B 55 0.34 -16.42 11.44
CA ILE B 55 -0.16 -16.55 10.04
C ILE B 55 1.02 -16.96 9.15
N PRO B 56 0.75 -17.61 8.01
CA PRO B 56 1.82 -18.02 7.11
C PRO B 56 2.44 -16.80 6.42
N ARG B 57 3.78 -16.72 6.39
CA ARG B 57 4.55 -15.59 5.83
C ARG B 57 5.71 -16.13 4.97
N SER B 58 5.50 -17.26 4.28
N SER B 58 5.48 -17.25 4.27
CA SER B 58 6.53 -17.98 3.49
CA SER B 58 6.52 -18.00 3.51
C SER B 58 6.50 -17.52 2.02
C SER B 58 6.49 -17.63 2.01
N GLU B 59 5.32 -17.21 1.50
CA GLU B 59 5.13 -16.97 0.04
C GLU B 59 5.46 -15.50 -0.30
N ILE B 60 5.46 -14.58 0.67
CA ILE B 60 5.57 -13.11 0.41
C ILE B 60 6.90 -12.82 -0.32
N LYS B 61 7.94 -13.59 -0.01
CA LYS B 61 9.28 -13.35 -0.62
C LYS B 61 9.23 -13.55 -2.14
N TYR B 62 8.24 -14.26 -2.69
CA TYR B 62 8.16 -14.58 -4.14
C TYR B 62 7.52 -13.44 -4.95
N SER B 63 6.78 -12.52 -4.32
CA SER B 63 5.96 -11.49 -5.03
C SER B 63 6.73 -10.16 -5.11
N TYR B 64 6.70 -9.56 -6.29
CA TYR B 64 7.22 -8.19 -6.56
C TYR B 64 6.31 -7.08 -5.96
N THR B 65 5.18 -7.43 -5.34
CA THR B 65 4.27 -6.43 -4.74
C THR B 65 5.07 -5.55 -3.78
N HIS B 66 4.93 -4.21 -3.86
CA HIS B 66 5.71 -3.32 -2.97
C HIS B 66 5.12 -1.92 -2.94
N ILE B 67 5.56 -1.13 -1.98
CA ILE B 67 5.20 0.30 -1.84
C ILE B 67 6.49 1.08 -1.83
N ALA B 68 6.55 2.07 -2.71
CA ALA B 68 7.69 2.99 -2.95
C ALA B 68 7.34 4.32 -2.31
N PHE B 69 8.30 4.85 -1.57
CA PHE B 69 8.31 6.19 -0.96
C PHE B 69 9.39 7.04 -1.64
N THR B 70 9.12 8.34 -1.67
CA THR B 70 9.97 9.34 -2.36
C THR B 70 11.10 9.80 -1.42
N ILE B 71 12.32 9.79 -1.92
CA ILE B 71 13.48 10.54 -1.34
C ILE B 71 14.12 11.43 -2.41
N SER B 72 14.97 12.38 -2.01
CA SER B 72 15.84 13.26 -2.87
C SER B 72 16.99 12.44 -3.43
N ASP B 73 17.48 12.87 -4.58
CA ASP B 73 18.70 12.31 -5.14
C ASP B 73 19.82 12.67 -4.15
N ASN B 74 19.66 13.80 -3.46
CA ASN B 74 20.63 14.34 -2.47
C ASN B 74 20.77 13.39 -1.28
N ASP B 75 19.70 12.71 -0.84
CA ASP B 75 19.73 11.83 0.36
C ASP B 75 19.87 10.36 -0.01
N PHE B 76 19.99 10.03 -1.29
CA PHE B 76 20.07 8.62 -1.75
C PHE B 76 21.21 7.90 -1.02
N GLU B 77 22.42 8.44 -1.10
CA GLU B 77 23.60 7.78 -0.50
C GLU B 77 23.38 7.65 1.00
N ASP B 78 22.93 8.72 1.63
CA ASP B 78 22.71 8.79 3.10
C ASP B 78 21.72 7.68 3.52
N TRP B 79 20.63 7.46 2.77
CA TRP B 79 19.64 6.38 3.06
C TRP B 79 20.29 5.02 2.89
N TYR B 80 20.94 4.80 1.74
CA TYR B 80 21.62 3.53 1.47
C TYR B 80 22.52 3.17 2.66
N ASN B 81 23.37 4.11 3.11
CA ASN B 81 24.37 3.83 4.17
C ASN B 81 23.64 3.57 5.50
N TRP B 82 22.64 4.39 5.81
CA TRP B 82 21.85 4.26 7.06
C TRP B 82 21.20 2.87 7.15
N LEU B 83 20.54 2.42 6.08
CA LEU B 83 19.92 1.07 5.97
C LEU B 83 21.00 -0.01 6.13
N LYS B 84 22.13 0.13 5.41
CA LYS B 84 23.32 -0.76 5.49
C LYS B 84 23.87 -0.70 6.93
N GLU B 85 23.99 0.51 7.51
CA GLU B 85 24.46 0.75 8.91
C GLU B 85 23.58 -0.05 9.89
N ASN B 86 22.36 -0.42 9.49
CA ASN B 86 21.30 -0.98 10.38
C ASN B 86 20.99 -2.43 10.02
N GLU B 87 21.85 -3.02 9.22
CA GLU B 87 21.75 -4.44 8.83
C GLU B 87 20.35 -4.74 8.30
N VAL B 88 19.75 -3.74 7.68
CA VAL B 88 18.42 -3.86 7.00
C VAL B 88 18.53 -4.87 5.87
N ASN B 89 17.45 -5.65 5.64
CA ASN B 89 17.39 -6.66 4.57
C ASN B 89 17.18 -5.98 3.20
N ILE B 90 18.26 -5.41 2.66
CA ILE B 90 18.32 -4.78 1.30
C ILE B 90 18.27 -5.89 0.23
N LEU B 91 17.48 -5.70 -0.82
CA LEU B 91 17.33 -6.63 -1.96
C LEU B 91 18.11 -6.07 -3.16
N GLU B 92 18.68 -6.93 -4.00
CA GLU B 92 19.51 -6.52 -5.17
C GLU B 92 18.70 -5.54 -6.02
N ARG B 99 17.69 5.80 -17.13
CA ARG B 99 16.51 6.69 -17.02
C ARG B 99 15.42 6.04 -16.16
N ASP B 100 15.76 4.97 -15.45
CA ASP B 100 14.81 4.35 -14.51
C ASP B 100 14.86 5.12 -13.19
N LYS B 101 15.90 5.95 -13.03
CA LYS B 101 16.23 6.76 -11.81
C LYS B 101 16.80 5.85 -10.71
N LYS B 102 16.96 6.34 -9.49
CA LYS B 102 17.59 5.45 -8.49
C LYS B 102 16.55 4.88 -7.53
N SER B 103 16.80 3.67 -7.05
CA SER B 103 15.91 2.91 -6.15
C SER B 103 16.76 2.08 -5.19
N ILE B 104 16.36 2.09 -3.91
CA ILE B 104 16.79 1.07 -2.90
C ILE B 104 15.58 0.19 -2.61
N TYR B 105 15.70 -1.13 -2.74
CA TYR B 105 14.66 -2.10 -2.33
C TYR B 105 15.09 -2.75 -1.01
N PHE B 106 14.14 -2.91 -0.08
CA PHE B 106 14.34 -3.61 1.20
C PHE B 106 13.02 -4.17 1.71
N THR B 107 13.08 -4.93 2.81
CA THR B 107 11.92 -5.51 3.50
C THR B 107 11.91 -5.01 4.94
N ASP B 108 10.72 -4.95 5.54
CA ASP B 108 10.56 -4.85 7.00
C ASP B 108 10.89 -6.23 7.57
N LEU B 109 10.48 -6.51 8.80
CA LEU B 109 10.85 -7.74 9.55
C LEU B 109 10.03 -8.93 9.05
N ASP B 110 8.95 -8.69 8.29
CA ASP B 110 7.95 -9.73 7.95
C ASP B 110 7.90 -9.90 6.42
N GLY B 111 8.91 -9.39 5.73
CA GLY B 111 9.09 -9.59 4.28
C GLY B 111 8.29 -8.62 3.42
N HIS B 112 7.60 -7.62 3.98
CA HIS B 112 6.89 -6.59 3.17
C HIS B 112 7.96 -5.83 2.38
N LYS B 113 7.81 -5.81 1.05
CA LYS B 113 8.83 -5.20 0.15
C LYS B 113 8.54 -3.71 0.08
N LEU B 114 9.60 -2.92 0.28
CA LEU B 114 9.54 -1.44 0.31
C LEU B 114 10.61 -0.90 -0.61
N GLU B 115 10.39 0.31 -1.12
CA GLU B 115 11.31 0.97 -2.08
C GLU B 115 11.45 2.43 -1.69
N LEU B 116 12.69 2.94 -1.76
CA LEU B 116 13.00 4.38 -1.75
C LEU B 116 13.39 4.75 -3.17
N HIS B 117 12.63 5.65 -3.77
CA HIS B 117 12.74 5.99 -5.21
C HIS B 117 12.88 7.51 -5.35
N THR B 118 13.78 7.96 -6.25
CA THR B 118 14.09 9.41 -6.45
C THR B 118 13.34 9.95 -7.68
N GLY B 119 12.76 9.09 -8.51
CA GLY B 119 12.12 9.48 -9.79
C GLY B 119 10.65 9.83 -9.66
N SER B 120 10.06 10.34 -10.74
CA SER B 120 8.63 10.74 -10.82
C SER B 120 7.92 9.86 -11.85
N LEU B 121 6.58 9.82 -11.78
CA LEU B 121 5.73 9.21 -12.83
C LEU B 121 6.12 9.80 -14.20
N GLU B 122 6.22 11.12 -14.31
CA GLU B 122 6.67 11.79 -15.57
C GLU B 122 8.01 11.22 -16.03
N ASP B 123 9.02 11.11 -15.16
CA ASP B 123 10.33 10.54 -15.56
C ASP B 123 10.11 9.17 -16.22
N ARG B 124 9.27 8.33 -15.61
CA ARG B 124 9.07 6.93 -16.08
C ARG B 124 8.29 6.93 -17.40
N LEU B 125 7.27 7.76 -17.56
CA LEU B 125 6.50 7.90 -18.83
C LEU B 125 7.41 8.36 -19.99
N SER B 126 8.25 9.37 -19.76
CA SER B 126 9.22 9.90 -20.75
C SER B 126 10.21 8.79 -21.18
N TYR B 127 10.80 8.06 -20.24
CA TYR B 127 11.72 6.92 -20.53
C TYR B 127 10.98 5.90 -21.43
N TYR B 128 9.74 5.54 -21.07
CA TYR B 128 8.97 4.51 -21.81
C TYR B 128 8.55 5.04 -23.20
N LYS B 129 8.16 6.30 -23.33
CA LYS B 129 7.88 6.89 -24.67
C LYS B 129 9.14 6.73 -25.56
N GLU B 130 10.35 6.98 -25.04
CA GLU B 130 11.64 6.96 -25.81
C GLU B 130 12.05 5.52 -26.12
N ALA B 131 12.18 4.71 -25.08
CA ALA B 131 12.80 3.36 -25.13
C ALA B 131 11.81 2.28 -25.61
N LYS B 132 10.50 2.49 -25.46
CA LYS B 132 9.49 1.40 -25.53
C LYS B 132 8.21 1.93 -26.19
N PRO B 133 8.35 2.57 -27.38
CA PRO B 133 7.21 3.18 -28.08
C PRO B 133 6.15 2.19 -28.55
N HIS B 134 6.44 0.90 -28.38
CA HIS B 134 5.55 -0.25 -28.71
C HIS B 134 4.54 -0.50 -27.58
N MET B 135 4.71 0.14 -26.42
CA MET B 135 3.67 0.16 -25.35
C MET B 135 2.51 1.08 -25.80
N ASN B 136 1.33 0.96 -25.18
CA ASN B 136 0.17 1.86 -25.35
C ASN B 136 0.27 3.01 -24.34
N PHE B 137 0.12 4.26 -24.81
CA PHE B 137 0.17 5.50 -23.99
C PHE B 137 -1.21 6.16 -24.11
N TYR B 138 -1.75 6.57 -22.98
CA TYR B 138 -3.09 7.19 -22.87
C TYR B 138 -2.94 8.65 -22.44
N ILE B 139 -1.73 9.07 -22.12
CA ILE B 139 -1.46 10.49 -21.75
C ILE B 139 -0.29 11.03 -22.59
#